data_5T7P
#
_entry.id   5T7P
#
_cell.length_a   56.770
_cell.length_b   62.970
_cell.length_c   66.740
_cell.angle_alpha   90.000
_cell.angle_beta   94.270
_cell.angle_gamma   90.000
#
_symmetry.space_group_name_H-M   'P 1 21 1'
#
loop_
_entity.id
_entity.type
_entity.pdbx_description
1 polymer Lectin
2 non-polymer 'MANGANESE (II) ION'
3 non-polymer 'CALCIUM ION'
4 non-polymer '5-bromo-4-chloro-1H-indol-3-yl alpha-D-mannopyranoside'
5 water water
#
_entity_poly.entity_id   1
_entity_poly.type   'polypeptide(L)'
_entity_poly.pdbx_seq_one_letter_code
;TETTSFLITKFSPDQQNLIFQGDGYTTKEKLTLTKAVKNTVGRALYSSPIHIWDRETGNVANFVTSFTFVINAPNSYNVA
DGFTFFIAPVDTKPQTGGGYLGVFNSAEYDKTTQTVAVEFDTFYNAAWDPSNRDRHIGIDVNSIKSVNTKSWKLQNGEEA
NVVIAFNAATNVLTVSLTYPNSLEEENVTSYTLSDVVSLKDVVPEWVRIGFSATTGAEYAAHEVLSWSFHSELSGT
;
_entity_poly.pdbx_strand_id   A,B
#
# COMPACT_ATOMS: atom_id res chain seq x y z
N THR A 1 -6.68 -10.37 24.18
CA THR A 1 -5.48 -9.53 24.19
C THR A 1 -4.21 -10.38 24.09
N GLU A 2 -3.38 -10.08 23.10
CA GLU A 2 -2.07 -10.70 22.92
C GLU A 2 -1.01 -9.61 23.03
N THR A 3 -0.04 -9.81 23.92
CA THR A 3 0.98 -8.80 24.18
C THR A 3 2.36 -9.42 24.16
N THR A 4 3.32 -8.66 23.70
CA THR A 4 4.74 -8.95 23.68
C THR A 4 5.45 -7.75 24.26
N SER A 5 6.35 -7.94 25.22
CA SER A 5 6.97 -6.85 25.94
C SER A 5 8.42 -7.25 26.21
N PHE A 6 9.37 -6.40 26.28
CA PHE A 6 10.69 -6.80 26.63
C PHE A 6 11.46 -5.57 26.92
N LEU A 7 12.46 -5.71 27.74
CA LEU A 7 13.32 -4.65 28.08
C LEU A 7 14.72 -5.16 28.19
N ILE A 8 15.63 -4.44 27.56
CA ILE A 8 17.05 -4.71 27.68
C ILE A 8 17.68 -3.36 27.98
N THR A 9 18.10 -3.14 29.24
CA THR A 9 18.69 -1.85 29.56
C THR A 9 20.15 -1.79 29.15
N LYS A 10 20.83 -2.94 29.14
CA LYS A 10 22.20 -3.03 28.66
C LYS A 10 22.39 -4.42 28.06
N PHE A 11 23.03 -4.49 26.91
CA PHE A 11 23.22 -5.78 26.26
C PHE A 11 24.34 -6.56 26.91
N SER A 12 24.23 -7.86 26.88
CA SER A 12 25.21 -8.78 27.42
C SER A 12 25.94 -9.49 26.28
N PRO A 13 27.19 -9.94 26.50
CA PRO A 13 27.88 -10.68 25.43
C PRO A 13 27.11 -11.88 24.91
N ASP A 14 26.24 -12.47 25.72
CA ASP A 14 25.44 -13.61 25.29
C ASP A 14 23.96 -13.24 25.39
N GLN A 15 23.50 -12.41 24.44
CA GLN A 15 22.13 -11.90 24.42
C GLN A 15 21.26 -12.86 23.60
N GLN A 16 20.75 -13.90 24.25
CA GLN A 16 20.15 -15.00 23.53
C GLN A 16 18.73 -14.74 23.07
N ASN A 17 18.11 -13.64 23.49
CA ASN A 17 16.82 -13.27 22.94
C ASN A 17 16.95 -12.38 21.72
N LEU A 18 18.14 -12.28 21.15
CA LEU A 18 18.37 -11.60 19.88
C LEU A 18 18.87 -12.60 18.85
N ILE A 19 18.44 -12.43 17.61
CA ILE A 19 19.00 -13.13 16.46
C ILE A 19 19.86 -12.14 15.70
N PHE A 20 21.13 -12.49 15.48
CA PHE A 20 22.09 -11.60 14.82
C PHE A 20 22.24 -12.00 13.36
N GLN A 21 22.43 -11.01 12.51
CA GLN A 21 22.65 -11.22 11.08
C GLN A 21 23.72 -10.24 10.63
N GLY A 22 24.50 -10.66 9.63
CA GLY A 22 25.63 -9.85 9.18
C GLY A 22 26.65 -9.70 10.31
N ASP A 23 27.06 -8.47 10.59
CA ASP A 23 28.10 -8.17 11.56
C ASP A 23 27.55 -7.90 12.97
N GLY A 24 26.26 -8.07 13.21
CA GLY A 24 25.70 -7.70 14.50
C GLY A 24 26.21 -8.59 15.64
N TYR A 25 26.46 -7.97 16.77
CA TYR A 25 26.91 -8.71 17.95
C TYR A 25 26.95 -7.75 19.13
N THR A 26 26.93 -8.32 20.34
CA THR A 26 26.98 -7.52 21.56
C THR A 26 28.38 -7.57 22.17
N THR A 27 28.84 -6.42 22.65
CA THR A 27 30.20 -6.21 23.18
C THR A 27 30.15 -5.03 24.14
N LYS A 28 30.96 -5.12 25.20
CA LYS A 28 31.11 -4.06 26.21
C LYS A 28 29.76 -3.40 26.52
N GLU A 29 28.77 -4.25 26.76
CA GLU A 29 27.42 -3.83 27.16
C GLU A 29 26.70 -3.00 26.09
N LYS A 30 27.06 -3.13 24.81
CA LYS A 30 26.34 -2.48 23.74
C LYS A 30 26.05 -3.49 22.65
N LEU A 31 25.01 -3.18 21.88
CA LEU A 31 24.73 -3.89 20.63
C LEU A 31 25.45 -3.15 19.50
N THR A 32 26.34 -3.84 18.80
CA THR A 32 27.03 -3.28 17.64
C THR A 32 26.40 -3.84 16.38
N LEU A 33 25.93 -2.95 15.50
CA LEU A 33 25.36 -3.35 14.22
C LEU A 33 26.40 -3.34 13.11
N THR A 34 27.20 -2.28 13.02
CA THR A 34 28.40 -2.26 12.18
C THR A 34 29.51 -1.58 12.97
N LYS A 35 30.73 -1.99 12.69
CA LYS A 35 31.89 -1.21 13.08
C LYS A 35 32.11 -0.11 12.04
N ALA A 36 33.10 0.76 12.27
CA ALA A 36 33.41 1.78 11.28
C ALA A 36 34.25 1.15 10.16
N VAL A 37 33.59 0.27 9.39
CA VAL A 37 34.20 -0.38 8.24
C VAL A 37 33.27 -0.27 7.05
N LYS A 38 33.86 -0.37 5.85
CA LYS A 38 33.12 -0.11 4.63
C LYS A 38 32.27 -1.30 4.21
N ASN A 39 31.18 -0.98 3.50
CA ASN A 39 30.41 -1.96 2.74
C ASN A 39 29.97 -3.16 3.57
N THR A 40 29.43 -2.89 4.75
CA THR A 40 28.96 -4.00 5.53
C THR A 40 27.53 -3.74 5.96
N VAL A 41 26.97 -4.73 6.65
CA VAL A 41 25.59 -4.71 7.12
C VAL A 41 25.56 -5.51 8.41
N GLY A 42 24.73 -5.09 9.35
CA GLY A 42 24.55 -5.86 10.56
C GLY A 42 23.13 -5.66 11.03
N ARG A 43 22.51 -6.71 11.53
CA ARG A 43 21.12 -6.63 11.99
C ARG A 43 20.98 -7.46 13.25
N ALA A 44 19.95 -7.14 14.03
CA ALA A 44 19.62 -7.89 15.22
C ALA A 44 18.12 -7.90 15.35
N LEU A 45 17.55 -9.08 15.58
CA LEU A 45 16.11 -9.22 15.71
C LEU A 45 15.77 -9.69 17.11
N TYR A 46 14.63 -9.23 17.63
CA TYR A 46 14.09 -9.87 18.80
C TYR A 46 13.68 -11.30 18.45
N SER A 47 13.92 -12.22 19.38
CA SER A 47 13.85 -13.64 19.01
C SER A 47 12.43 -14.07 18.67
N SER A 48 11.47 -13.64 19.46
CA SER A 48 10.15 -14.19 19.31
C SER A 48 9.38 -13.47 18.21
N PRO A 49 8.69 -14.20 17.35
CA PRO A 49 7.68 -13.56 16.50
C PRO A 49 6.67 -12.78 17.33
N ILE A 50 6.16 -11.71 16.74
CA ILE A 50 5.26 -10.78 17.39
C ILE A 50 3.98 -10.71 16.57
N HIS A 51 2.84 -10.82 17.25
CA HIS A 51 1.53 -10.81 16.59
C HIS A 51 1.08 -9.36 16.44
N ILE A 52 1.23 -8.82 15.23
CA ILE A 52 1.09 -7.39 15.00
C ILE A 52 -0.30 -7.05 14.43
N TRP A 53 -0.92 -7.98 13.71
CA TRP A 53 -2.32 -7.83 13.31
C TRP A 53 -2.95 -9.21 13.12
N ASP A 54 -4.28 -9.22 13.02
CA ASP A 54 -5.03 -10.47 12.97
C ASP A 54 -6.13 -10.37 11.93
N ARG A 55 -6.13 -11.32 10.99
CA ARG A 55 -7.00 -11.24 9.83
C ARG A 55 -8.47 -11.45 10.20
N GLU A 56 -8.74 -12.45 11.03
CA GLU A 56 -10.10 -12.80 11.44
C GLU A 56 -10.81 -11.57 12.01
N THR A 57 -10.14 -10.87 12.89
CA THR A 57 -10.65 -9.69 13.51
C THR A 57 -10.49 -8.35 12.75
N GLY A 58 -9.48 -8.31 11.92
CA GLY A 58 -9.07 -7.06 11.31
C GLY A 58 -8.30 -6.13 12.21
N ASN A 59 -8.07 -6.51 13.47
CA ASN A 59 -7.38 -5.63 14.41
C ASN A 59 -5.89 -5.55 14.14
N VAL A 60 -5.32 -4.39 14.47
CA VAL A 60 -3.90 -4.15 14.40
C VAL A 60 -3.43 -3.81 15.81
N ALA A 61 -2.20 -4.20 16.14
CA ALA A 61 -1.69 -3.93 17.47
C ALA A 61 -1.32 -2.46 17.63
N ASN A 62 -1.56 -1.94 18.84
CA ASN A 62 -0.82 -0.81 19.33
C ASN A 62 0.56 -1.28 19.75
N PHE A 63 1.58 -0.47 19.49
CA PHE A 63 2.88 -0.84 20.03
C PHE A 63 3.71 0.40 20.21
N VAL A 64 4.70 0.28 21.09
CA VAL A 64 5.68 1.32 21.30
C VAL A 64 7.04 0.65 21.48
N THR A 65 8.06 1.24 20.87
CA THR A 65 9.41 0.79 21.12
C THR A 65 10.27 2.02 21.43
N SER A 66 11.21 1.83 22.33
CA SER A 66 12.11 2.94 22.64
C SER A 66 13.50 2.37 22.76
N PHE A 67 14.49 3.10 22.25
CA PHE A 67 15.85 2.61 22.25
C PHE A 67 16.80 3.80 22.17
N THR A 68 18.03 3.58 22.62
CA THR A 68 19.07 4.58 22.53
C THR A 68 20.14 4.06 21.57
N PHE A 69 20.52 4.88 20.59
CA PHE A 69 21.56 4.47 19.66
C PHE A 69 22.62 5.55 19.54
N VAL A 70 23.76 5.15 19.01
CA VAL A 70 24.88 6.05 18.78
C VAL A 70 25.45 5.73 17.41
N ILE A 71 25.82 6.77 16.69
CA ILE A 71 26.61 6.66 15.47
C ILE A 71 27.98 7.30 15.75
N ASN A 72 29.04 6.55 15.54
CA ASN A 72 30.38 7.03 15.75
C ASN A 72 31.09 7.02 14.40
N ALA A 73 31.15 8.18 13.77
CA ALA A 73 31.78 8.34 12.49
C ALA A 73 33.20 8.84 12.71
N PRO A 74 34.22 8.08 12.29
CA PRO A 74 35.61 8.50 12.42
C PRO A 74 35.87 9.72 11.60
N ASN A 75 35.15 9.81 10.52
CA ASN A 75 35.20 10.95 9.66
C ASN A 75 33.84 11.67 9.75
N SER A 76 33.80 12.75 10.52
CA SER A 76 32.60 13.55 10.77
C SER A 76 31.83 14.09 9.61
N TYR A 77 32.47 14.37 8.48
CA TYR A 77 31.72 14.83 7.35
C TYR A 77 31.29 13.72 6.37
N ASN A 78 31.97 12.59 6.44
CA ASN A 78 31.69 11.50 5.53
C ASN A 78 31.02 10.38 6.32
N VAL A 79 29.72 10.49 6.49
CA VAL A 79 28.93 9.57 7.27
C VAL A 79 27.97 8.78 6.43
N ALA A 80 27.97 7.49 6.66
CA ALA A 80 27.08 6.55 5.98
C ALA A 80 27.01 5.19 6.71
N ASP A 81 25.93 4.47 6.51
CA ASP A 81 24.83 4.88 5.71
C ASP A 81 23.64 5.15 6.61
N GLY A 82 23.70 4.64 7.81
CA GLY A 82 22.67 4.81 8.76
C GLY A 82 22.10 3.56 9.39
N PHE A 83 21.02 3.79 10.10
CA PHE A 83 20.38 2.79 10.89
C PHE A 83 18.86 2.80 10.94
N THR A 84 18.32 1.64 11.15
CA THR A 84 16.90 1.50 11.20
C THR A 84 16.39 0.62 12.28
N PHE A 85 15.13 0.81 12.60
CA PHE A 85 14.34 -0.01 13.43
C PHE A 85 13.37 -0.50 12.35
N PHE A 86 13.09 -1.77 12.33
CA PHE A 86 12.24 -2.36 11.31
C PHE A 86 11.25 -3.46 11.73
N ILE A 87 10.22 -3.64 10.93
CA ILE A 87 9.21 -4.64 11.09
C ILE A 87 9.13 -5.44 9.81
N ALA A 88 9.29 -6.74 9.88
CA ALA A 88 9.46 -7.53 8.67
C ALA A 88 8.93 -8.93 8.93
N PRO A 89 8.80 -9.77 7.89
CA PRO A 89 8.36 -11.16 8.11
C PRO A 89 9.30 -11.88 9.07
N VAL A 90 8.77 -12.96 9.67
CA VAL A 90 9.50 -13.71 10.69
C VAL A 90 10.83 -14.24 10.17
N ASP A 91 10.91 -14.58 8.88
CA ASP A 91 12.14 -15.11 8.30
C ASP A 91 12.97 -14.03 7.61
N THR A 92 12.80 -12.78 8.02
CA THR A 92 13.52 -11.67 7.38
C THR A 92 15.04 -11.88 7.47
N LYS A 93 15.73 -11.50 6.41
CA LYS A 93 17.17 -11.61 6.29
C LYS A 93 17.69 -10.30 5.71
N PRO A 94 18.98 -10.04 5.81
CA PRO A 94 19.51 -8.77 5.29
C PRO A 94 19.26 -8.63 3.80
N GLN A 95 18.77 -7.47 3.41
CA GLN A 95 18.50 -7.15 2.03
C GLN A 95 19.64 -6.24 1.58
N THR A 96 19.52 -5.64 0.39
CA THR A 96 20.60 -4.79 -0.12
C THR A 96 21.34 -3.88 0.86
N GLY A 97 22.65 -3.74 0.66
CA GLY A 97 23.52 -2.97 1.52
C GLY A 97 23.58 -1.50 1.17
N GLY A 98 24.58 -0.82 1.73
CA GLY A 98 24.80 0.58 1.39
C GLY A 98 23.57 1.41 1.71
N GLY A 99 23.19 2.29 0.80
CA GLY A 99 22.05 3.17 1.01
C GLY A 99 20.72 2.45 1.18
N TYR A 100 20.67 1.15 0.90
CA TYR A 100 19.44 0.39 1.10
C TYR A 100 19.26 -0.09 2.53
N LEU A 101 20.25 0.13 3.39
CA LEU A 101 20.14 -0.08 4.83
C LEU A 101 19.80 -1.53 5.19
N GLY A 102 20.10 -2.48 4.32
CA GLY A 102 19.87 -3.87 4.70
C GLY A 102 18.42 -4.26 4.89
N VAL A 103 17.47 -3.42 4.47
CA VAL A 103 16.05 -3.73 4.65
C VAL A 103 15.24 -3.63 3.36
N PHE A 104 15.67 -2.87 2.35
CA PHE A 104 14.93 -2.73 1.10
C PHE A 104 15.86 -3.03 -0.07
N ASN A 105 15.24 -3.17 -1.26
CA ASN A 105 15.99 -3.45 -2.47
C ASN A 105 15.65 -2.48 -3.60
N SER A 106 14.82 -1.47 -3.34
CA SER A 106 14.43 -0.55 -4.40
C SER A 106 13.81 0.71 -3.81
N ALA A 107 13.77 1.74 -4.64
CA ALA A 107 13.07 2.99 -4.38
C ALA A 107 11.64 2.96 -4.87
N GLU A 108 11.25 1.90 -5.56
CA GLU A 108 9.86 1.66 -5.94
C GLU A 108 9.20 0.72 -4.95
N TYR A 109 7.91 0.90 -4.75
CA TYR A 109 7.16 0.04 -3.84
C TYR A 109 7.35 -1.42 -4.23
N ASP A 110 7.74 -2.23 -3.26
CA ASP A 110 7.90 -3.66 -3.48
C ASP A 110 7.06 -4.39 -2.43
N LYS A 111 5.91 -4.90 -2.88
CA LYS A 111 4.98 -5.58 -1.99
C LYS A 111 5.63 -6.76 -1.29
N THR A 112 6.49 -7.50 -2.01
CA THR A 112 7.04 -8.73 -1.46
C THR A 112 8.04 -8.48 -0.35
N THR A 113 8.54 -7.27 -0.20
CA THR A 113 9.50 -7.01 0.86
C THR A 113 8.81 -7.04 2.23
N GLN A 114 7.55 -6.63 2.28
CA GLN A 114 6.71 -6.70 3.49
C GLN A 114 7.39 -6.11 4.71
N THR A 115 8.00 -4.93 4.53
CA THR A 115 8.81 -4.37 5.59
C THR A 115 8.46 -2.92 5.83
N VAL A 116 8.31 -2.55 7.09
CA VAL A 116 8.26 -1.15 7.52
C VAL A 116 9.53 -0.88 8.29
N ALA A 117 10.20 0.21 7.95
CA ALA A 117 11.41 0.60 8.64
C ALA A 117 11.31 2.07 9.02
N VAL A 118 11.87 2.40 10.16
CA VAL A 118 12.11 3.79 10.52
C VAL A 118 13.60 4.01 10.37
N GLU A 119 13.98 4.92 9.48
CA GLU A 119 15.38 5.06 9.11
C GLU A 119 15.95 6.33 9.73
N PHE A 120 17.22 6.24 10.11
CA PHE A 120 18.02 7.37 10.56
C PHE A 120 19.17 7.39 9.56
N ASP A 121 18.96 8.15 8.51
CA ASP A 121 19.70 8.01 7.25
C ASP A 121 20.74 9.12 7.15
N THR A 122 22.02 8.75 7.20
CA THR A 122 23.11 9.71 7.31
C THR A 122 23.76 10.06 5.98
N PHE A 123 23.33 9.44 4.88
CA PHE A 123 24.00 9.63 3.60
C PHE A 123 22.99 9.88 2.48
N TYR A 124 23.21 10.94 1.73
CA TYR A 124 22.31 11.35 0.65
C TYR A 124 22.51 10.43 -0.55
N ASN A 125 21.55 9.56 -0.80
CA ASN A 125 21.52 8.79 -2.05
C ASN A 125 20.66 9.56 -3.03
N ALA A 126 21.30 10.07 -4.09
CA ALA A 126 20.63 10.99 -5.01
C ALA A 126 19.38 10.39 -5.64
N ALA A 127 19.36 9.07 -5.83
CA ALA A 127 18.27 8.48 -6.59
C ALA A 127 16.95 8.49 -5.82
N TRP A 128 16.97 8.66 -4.50
CA TRP A 128 15.70 8.63 -3.76
C TRP A 128 15.60 9.56 -2.56
N ASP A 129 16.73 9.97 -1.98
CA ASP A 129 16.69 10.70 -0.72
C ASP A 129 16.20 12.13 -0.91
N PRO A 130 15.71 12.77 0.16
CA PRO A 130 15.18 14.14 0.03
C PRO A 130 16.20 15.06 -0.60
N SER A 131 15.72 15.93 -1.48
CA SER A 131 16.60 16.69 -2.36
C SER A 131 17.29 17.83 -1.66
N ASN A 132 16.87 18.19 -0.43
CA ASN A 132 17.69 19.12 0.32
C ASN A 132 18.99 18.50 0.79
N ARG A 133 19.14 17.18 0.63
CA ARG A 133 20.38 16.46 0.95
C ARG A 133 20.69 16.50 2.44
N ASP A 134 19.73 16.82 3.30
CA ASP A 134 19.98 16.70 4.72
C ASP A 134 19.98 15.23 5.12
N ARG A 135 20.72 14.93 6.19
CA ARG A 135 20.45 13.70 6.91
C ARG A 135 19.02 13.77 7.44
N HIS A 136 18.41 12.61 7.61
CA HIS A 136 16.96 12.65 7.81
C HIS A 136 16.47 11.39 8.48
N ILE A 137 15.45 11.57 9.29
CA ILE A 137 14.63 10.48 9.78
C ILE A 137 13.61 10.18 8.71
N GLY A 138 13.29 8.90 8.51
CA GLY A 138 12.33 8.53 7.50
C GLY A 138 11.45 7.40 7.96
N ILE A 139 10.25 7.34 7.39
CA ILE A 139 9.35 6.20 7.52
C ILE A 139 9.29 5.54 6.16
N ASP A 140 9.70 4.27 6.10
CA ASP A 140 9.86 3.56 4.84
C ASP A 140 8.84 2.43 4.78
N VAL A 141 8.13 2.33 3.66
CA VAL A 141 7.11 1.31 3.49
C VAL A 141 7.43 0.59 2.19
N ASN A 142 7.99 -0.61 2.29
CA ASN A 142 8.28 -1.46 1.13
C ASN A 142 9.17 -0.75 0.10
N SER A 143 9.95 0.23 0.54
CA SER A 143 10.75 1.04 -0.36
C SER A 143 11.79 1.82 0.46
N ILE A 144 12.96 2.03 -0.15
CA ILE A 144 13.99 2.86 0.46
C ILE A 144 13.68 4.34 0.29
N LYS A 145 12.67 4.68 -0.50
CA LYS A 145 12.21 6.05 -0.67
C LYS A 145 11.11 6.28 0.36
N SER A 146 11.42 7.01 1.42
CA SER A 146 10.51 7.16 2.53
C SER A 146 9.20 7.83 2.09
N VAL A 147 8.08 7.35 2.67
CA VAL A 147 6.80 8.03 2.47
C VAL A 147 6.84 9.42 3.12
N ASN A 148 7.66 9.61 4.15
CA ASN A 148 7.74 10.89 4.84
C ASN A 148 9.10 10.96 5.52
N THR A 149 9.66 12.17 5.59
CA THR A 149 10.99 12.40 6.11
C THR A 149 11.03 13.69 6.90
N LYS A 150 12.01 13.77 7.78
CA LYS A 150 12.22 14.96 8.59
C LYS A 150 13.72 15.16 8.70
N SER A 151 14.18 16.37 8.33
CA SER A 151 15.60 16.67 8.37
C SER A 151 16.12 16.53 9.79
N TRP A 152 17.30 15.97 9.91
CA TRP A 152 17.85 15.60 11.20
C TRP A 152 19.33 15.93 11.17
N LYS A 153 19.78 16.73 12.13
CA LYS A 153 21.19 17.07 12.29
C LYS A 153 21.84 16.02 13.19
N LEU A 154 22.64 15.15 12.59
CA LEU A 154 23.37 14.14 13.33
C LEU A 154 24.32 14.80 14.32
N GLN A 155 24.34 14.29 15.54
CA GLN A 155 25.35 14.63 16.53
C GLN A 155 26.24 13.40 16.69
N ASN A 156 27.41 13.47 16.10
CA ASN A 156 28.35 12.35 16.04
C ASN A 156 28.79 11.99 17.45
N GLY A 157 28.77 10.70 17.77
CA GLY A 157 29.19 10.21 19.06
C GLY A 157 28.15 10.33 20.16
N GLU A 158 27.09 11.11 19.96
CA GLU A 158 26.09 11.38 20.98
C GLU A 158 24.99 10.33 21.02
N GLU A 159 24.50 10.05 22.22
CA GLU A 159 23.39 9.13 22.37
C GLU A 159 22.10 9.77 21.89
N ALA A 160 21.41 9.08 21.00
CA ALA A 160 20.11 9.49 20.49
C ALA A 160 19.06 8.61 21.13
N ASN A 161 18.09 9.22 21.80
CA ASN A 161 16.98 8.51 22.43
C ASN A 161 15.80 8.50 21.47
N VAL A 162 15.35 7.32 21.08
CA VAL A 162 14.31 7.20 20.07
C VAL A 162 13.09 6.57 20.72
N VAL A 163 11.92 7.08 20.36
CA VAL A 163 10.65 6.45 20.66
C VAL A 163 9.86 6.32 19.37
N ILE A 164 9.40 5.10 19.08
CA ILE A 164 8.52 4.84 17.96
C ILE A 164 7.24 4.25 18.51
N ALA A 165 6.12 4.86 18.15
CA ALA A 165 4.80 4.47 18.62
C ALA A 165 3.88 4.30 17.43
N PHE A 166 3.03 3.28 17.49
CA PHE A 166 2.04 3.04 16.45
C PHE A 166 0.67 3.01 17.10
N ASN A 167 -0.20 3.91 16.64
CA ASN A 167 -1.55 4.04 17.17
C ASN A 167 -2.49 3.28 16.24
N ALA A 168 -2.96 2.12 16.71
CA ALA A 168 -3.80 1.26 15.87
C ALA A 168 -5.19 1.86 15.60
N ALA A 169 -5.67 2.77 16.46
CA ALA A 169 -6.92 3.48 16.16
C ALA A 169 -6.81 4.30 14.86
N THR A 170 -5.65 4.90 14.61
CA THR A 170 -5.48 5.78 13.46
C THR A 170 -4.48 5.26 12.44
N ASN A 171 -3.79 4.15 12.74
CA ASN A 171 -2.71 3.66 11.90
C ASN A 171 -1.59 4.68 11.73
N VAL A 172 -1.40 5.53 12.75
CA VAL A 172 -0.38 6.57 12.69
C VAL A 172 0.89 6.05 13.34
N LEU A 173 1.99 6.09 12.59
CA LEU A 173 3.32 5.77 13.11
C LEU A 173 4.04 7.07 13.43
N THR A 174 4.50 7.22 14.67
CA THR A 174 5.20 8.42 15.12
C THR A 174 6.60 8.06 15.58
N VAL A 175 7.57 8.85 15.16
CA VAL A 175 8.98 8.66 15.51
C VAL A 175 9.45 9.90 16.24
N SER A 176 10.22 9.70 17.30
CA SER A 176 10.85 10.86 17.89
C SER A 176 12.30 10.53 18.22
N LEU A 177 13.16 11.49 17.98
CA LEU A 177 14.57 11.36 18.34
C LEU A 177 14.90 12.55 19.21
N THR A 178 15.59 12.29 20.32
CA THR A 178 16.00 13.33 21.24
C THR A 178 17.46 13.15 21.61
N TYR A 179 18.22 14.24 21.55
CA TYR A 179 19.57 14.24 22.08
C TYR A 179 19.54 14.81 23.48
N PRO A 180 19.80 14.01 24.53
CA PRO A 180 19.88 14.57 25.90
C PRO A 180 21.29 15.05 26.26
N VAL A 188 17.12 20.76 16.11
CA VAL A 188 18.41 20.51 16.75
C VAL A 188 18.37 19.37 17.79
N THR A 189 17.65 19.60 18.89
CA THR A 189 17.67 18.70 20.05
C THR A 189 16.61 17.61 20.00
N SER A 190 15.56 17.81 19.22
CA SER A 190 14.49 16.84 19.16
C SER A 190 13.87 16.91 17.78
N TYR A 191 13.44 15.75 17.29
CA TYR A 191 12.82 15.63 15.99
C TYR A 191 11.67 14.64 16.07
N THR A 192 10.58 14.94 15.39
CA THR A 192 9.40 14.09 15.42
C THR A 192 8.84 13.98 14.02
N LEU A 193 8.47 12.76 13.63
CA LEU A 193 7.93 12.52 12.30
C LEU A 193 6.76 11.56 12.43
N SER A 194 5.69 11.83 11.68
CA SER A 194 4.49 11.00 11.72
C SER A 194 4.03 10.71 10.31
N ASP A 195 3.32 9.59 10.16
CA ASP A 195 2.62 9.27 8.93
C ASP A 195 1.68 8.10 9.18
N VAL A 196 0.62 8.05 8.39
CA VAL A 196 -0.23 6.87 8.36
C VAL A 196 0.53 5.73 7.71
N VAL A 197 0.63 4.60 8.41
CA VAL A 197 1.20 3.37 7.86
C VAL A 197 0.14 2.29 7.99
N SER A 198 -0.33 1.77 6.87
CA SER A 198 -1.33 0.70 6.88
C SER A 198 -0.59 -0.62 7.11
N LEU A 199 -0.19 -0.83 8.37
CA LEU A 199 0.62 -1.99 8.72
C LEU A 199 0.01 -3.28 8.16
N LYS A 200 -1.28 -3.45 8.36
CA LYS A 200 -1.95 -4.69 7.97
C LYS A 200 -1.89 -4.93 6.47
N ASP A 201 -1.67 -3.89 5.66
CA ASP A 201 -1.45 -4.07 4.23
C ASP A 201 -0.02 -4.44 3.88
N VAL A 202 0.93 -4.30 4.80
CA VAL A 202 2.36 -4.32 4.48
C VAL A 202 3.07 -5.52 5.10
N VAL A 203 2.92 -5.72 6.41
CA VAL A 203 3.64 -6.80 7.08
C VAL A 203 2.72 -8.01 7.23
N PRO A 204 3.25 -9.21 7.45
CA PRO A 204 2.38 -10.35 7.78
C PRO A 204 1.77 -10.17 9.15
N GLU A 205 0.79 -11.02 9.46
CA GLU A 205 0.14 -10.98 10.77
C GLU A 205 1.15 -11.21 11.88
N TRP A 206 2.13 -12.07 11.64
CA TRP A 206 3.23 -12.31 12.56
C TRP A 206 4.51 -11.73 11.98
N VAL A 207 5.30 -11.05 12.82
CA VAL A 207 6.48 -10.33 12.38
C VAL A 207 7.63 -10.65 13.32
N ARG A 208 8.83 -10.35 12.87
CA ARG A 208 9.95 -10.08 13.76
C ARG A 208 10.31 -8.62 13.63
N ILE A 209 10.79 -8.04 14.73
CA ILE A 209 11.24 -6.66 14.73
C ILE A 209 12.74 -6.68 14.97
N GLY A 210 13.40 -5.62 14.55
CA GLY A 210 14.82 -5.57 14.82
C GLY A 210 15.45 -4.28 14.32
N PHE A 211 16.78 -4.27 14.37
CA PHE A 211 17.58 -3.14 13.94
C PHE A 211 18.42 -3.57 12.76
N SER A 212 18.65 -2.64 11.85
CA SER A 212 19.62 -2.82 10.77
C SER A 212 20.54 -1.62 10.77
N ALA A 213 21.72 -1.81 10.19
CA ALA A 213 22.61 -0.69 9.91
C ALA A 213 23.54 -1.12 8.81
N THR A 214 23.92 -0.16 7.96
CA THR A 214 24.85 -0.45 6.88
C THR A 214 25.86 0.66 6.76
N THR A 215 26.94 0.32 6.07
CA THR A 215 27.91 1.25 5.53
C THR A 215 28.12 0.91 4.07
N GLY A 216 28.72 1.84 3.32
CA GLY A 216 28.99 1.58 1.92
C GLY A 216 30.39 2.02 1.56
N ALA A 217 30.51 2.95 0.61
CA ALA A 217 31.81 3.57 0.35
C ALA A 217 32.21 4.51 1.49
N GLU A 218 31.24 5.03 2.23
CA GLU A 218 31.48 5.74 3.48
C GLU A 218 30.92 4.89 4.62
N TYR A 219 31.30 5.24 5.84
CA TYR A 219 31.10 4.30 6.93
C TYR A 219 31.06 5.03 8.25
N ALA A 220 30.63 4.31 9.27
CA ALA A 220 30.51 4.73 10.65
C ALA A 220 30.14 3.50 11.46
N ALA A 221 30.45 3.53 12.75
CA ALA A 221 29.93 2.51 13.66
C ALA A 221 28.49 2.86 14.01
N HIS A 222 27.64 1.84 14.05
CA HIS A 222 26.25 2.02 14.46
C HIS A 222 25.99 1.10 15.64
N GLU A 223 25.56 1.66 16.76
CA GLU A 223 25.43 0.92 17.99
C GLU A 223 24.11 1.22 18.65
N VAL A 224 23.61 0.24 19.40
CA VAL A 224 22.40 0.38 20.18
C VAL A 224 22.75 0.10 21.64
N LEU A 225 22.25 0.93 22.54
CA LEU A 225 22.62 0.83 23.95
C LEU A 225 21.53 0.22 24.83
N SER A 226 20.29 0.22 24.35
CA SER A 226 19.17 -0.30 25.12
C SER A 226 17.97 -0.36 24.19
N TRP A 227 16.98 -1.14 24.61
CA TRP A 227 15.84 -1.42 23.74
C TRP A 227 14.71 -1.90 24.63
N SER A 228 13.51 -1.36 24.44
CA SER A 228 12.31 -1.91 25.04
C SER A 228 11.20 -1.91 24.00
N PHE A 229 10.26 -2.82 24.17
CA PHE A 229 9.18 -2.94 23.22
C PHE A 229 7.96 -3.44 23.96
N HIS A 230 6.81 -3.07 23.45
CA HIS A 230 5.56 -3.52 23.94
C HIS A 230 4.46 -3.34 22.91
N SER A 231 3.81 -4.44 22.58
CA SER A 231 2.72 -4.44 21.63
C SER A 231 1.52 -5.05 22.30
N GLU A 232 0.34 -4.51 22.04
CA GLU A 232 -0.90 -5.05 22.55
C GLU A 232 -1.87 -5.15 21.38
N LEU A 233 -2.23 -6.37 21.01
CA LEU A 233 -3.23 -6.61 19.98
C LEU A 233 -4.54 -7.01 20.64
N SER A 234 -5.57 -6.20 20.46
CA SER A 234 -6.87 -6.52 21.03
C SER A 234 -7.51 -7.70 20.31
N GLY A 235 -8.25 -8.50 21.07
CA GLY A 235 -9.00 -9.61 20.52
C GLY A 235 -10.45 -9.32 20.19
N THR A 236 -10.88 -8.09 20.17
CA THR A 236 -12.25 -7.91 19.76
C THR A 236 -12.41 -7.19 18.45
N THR B 1 -1.20 23.01 -11.97
CA THR B 1 -2.43 22.24 -11.93
C THR B 1 -2.72 21.56 -13.27
N GLU B 2 -3.09 20.28 -13.21
CA GLU B 2 -3.46 19.49 -14.37
C GLU B 2 -4.80 18.84 -14.06
N THR B 3 -5.83 19.19 -14.82
CA THR B 3 -7.14 18.60 -14.60
C THR B 3 -7.63 17.95 -15.90
N THR B 4 -8.35 16.85 -15.73
CA THR B 4 -9.10 16.21 -16.81
C THR B 4 -10.52 16.01 -16.32
N SER B 5 -11.50 16.35 -17.17
CA SER B 5 -12.91 16.17 -16.82
C SER B 5 -13.68 15.80 -18.06
N PHE B 6 -14.75 15.04 -17.84
CA PHE B 6 -15.69 14.86 -18.93
C PHE B 6 -17.05 14.51 -18.32
N LEU B 7 -18.07 14.63 -19.16
CA LEU B 7 -19.42 14.21 -18.82
C LEU B 7 -20.04 13.60 -20.07
N ILE B 8 -20.60 12.40 -19.90
CA ILE B 8 -21.43 11.75 -20.92
C ILE B 8 -22.78 11.49 -20.26
N THR B 9 -23.80 12.25 -20.69
CA THR B 9 -25.13 12.10 -20.10
C THR B 9 -25.89 10.95 -20.75
N LYS B 10 -25.70 10.78 -22.05
CA LYS B 10 -26.26 9.67 -22.79
C LYS B 10 -25.27 9.28 -23.88
N PHE B 11 -24.98 7.99 -23.99
CA PHE B 11 -24.04 7.54 -24.99
C PHE B 11 -24.68 7.59 -26.37
N SER B 12 -23.85 7.88 -27.38
CA SER B 12 -24.24 7.91 -28.77
C SER B 12 -23.69 6.69 -29.48
N PRO B 13 -24.25 6.33 -30.65
CA PRO B 13 -23.71 5.18 -31.40
C PRO B 13 -22.24 5.31 -31.74
N ASP B 14 -21.73 6.51 -31.95
CA ASP B 14 -20.33 6.72 -32.30
C ASP B 14 -19.66 7.50 -31.17
N GLN B 15 -19.45 6.85 -30.02
CA GLN B 15 -18.91 7.54 -28.84
C GLN B 15 -17.39 7.53 -28.95
N GLN B 16 -16.88 8.47 -29.74
CA GLN B 16 -15.48 8.46 -30.15
C GLN B 16 -14.52 8.84 -29.03
N ASN B 17 -15.00 9.41 -27.92
CA ASN B 17 -14.13 9.62 -26.77
C ASN B 17 -14.05 8.38 -25.87
N LEU B 18 -14.59 7.26 -26.33
CA LEU B 18 -14.43 5.97 -25.66
C LEU B 18 -13.62 5.03 -26.54
N ILE B 19 -12.78 4.22 -25.89
CA ILE B 19 -12.06 3.12 -26.54
C ILE B 19 -12.72 1.82 -26.10
N PHE B 20 -13.19 1.03 -27.06
CA PHE B 20 -13.93 -0.18 -26.78
C PHE B 20 -13.04 -1.41 -26.89
N GLN B 21 -13.28 -2.38 -26.02
CA GLN B 21 -12.53 -3.62 -26.00
C GLN B 21 -13.53 -4.76 -25.78
N GLY B 22 -13.16 -5.95 -26.27
CA GLY B 22 -14.08 -7.08 -26.14
C GLY B 22 -15.39 -6.79 -26.83
N ASP B 23 -16.50 -6.97 -26.10
CA ASP B 23 -17.84 -6.79 -26.64
C ASP B 23 -18.42 -5.41 -26.35
N GLY B 24 -17.66 -4.50 -25.74
CA GLY B 24 -18.22 -3.21 -25.40
C GLY B 24 -18.64 -2.45 -26.65
N TYR B 25 -19.81 -1.83 -26.58
CA TYR B 25 -20.28 -0.96 -27.65
C TYR B 25 -21.38 -0.06 -27.10
N THR B 26 -21.61 1.06 -27.78
CA THR B 26 -22.70 1.92 -27.37
C THR B 26 -23.89 1.68 -28.29
N THR B 27 -25.08 1.75 -27.72
CA THR B 27 -26.32 1.42 -28.42
C THR B 27 -27.53 1.92 -27.66
N LYS B 28 -28.39 2.66 -28.36
CA LYS B 28 -29.69 3.07 -27.82
C LYS B 28 -29.56 3.66 -26.42
N GLU B 29 -28.88 4.79 -26.33
CA GLU B 29 -28.75 5.59 -25.12
C GLU B 29 -27.80 4.95 -24.09
N LYS B 30 -27.27 3.76 -24.33
CA LYS B 30 -26.57 2.99 -23.31
C LYS B 30 -25.17 2.60 -23.78
N LEU B 31 -24.29 2.38 -22.81
CA LEU B 31 -23.03 1.68 -23.04
C LEU B 31 -23.21 0.23 -22.61
N THR B 32 -23.09 -0.68 -23.55
CA THR B 32 -23.21 -2.11 -23.24
C THR B 32 -21.82 -2.72 -23.14
N LEU B 33 -21.49 -3.25 -21.96
CA LEU B 33 -20.24 -3.97 -21.79
C LEU B 33 -20.40 -5.45 -22.13
N THR B 34 -21.50 -6.04 -21.74
CA THR B 34 -21.83 -7.35 -22.20
C THR B 34 -23.31 -7.54 -22.37
N LYS B 35 -23.68 -8.38 -23.29
CA LYS B 35 -25.04 -8.90 -23.30
C LYS B 35 -25.11 -10.12 -22.39
N ALA B 36 -26.34 -10.52 -22.04
CA ALA B 36 -26.54 -11.69 -21.21
C ALA B 36 -26.16 -12.97 -21.95
N VAL B 37 -24.85 -13.22 -22.11
CA VAL B 37 -24.34 -14.40 -22.78
C VAL B 37 -23.13 -14.91 -22.02
N LYS B 38 -22.86 -16.19 -22.19
CA LYS B 38 -21.76 -16.82 -21.46
C LYS B 38 -20.41 -16.31 -21.95
N ASN B 39 -19.43 -16.40 -21.05
CA ASN B 39 -18.01 -16.37 -21.41
C ASN B 39 -17.65 -15.17 -22.28
N THR B 40 -18.02 -13.98 -21.84
CA THR B 40 -17.66 -12.81 -22.59
C THR B 40 -17.08 -11.71 -21.69
N VAL B 41 -16.45 -10.75 -22.34
CA VAL B 41 -15.85 -9.61 -21.67
C VAL B 41 -16.10 -8.38 -22.53
N GLY B 42 -16.49 -7.29 -21.89
CA GLY B 42 -16.55 -6.00 -22.55
C GLY B 42 -15.91 -4.94 -21.68
N ARG B 43 -15.16 -4.04 -22.28
CA ARG B 43 -14.54 -2.93 -21.57
C ARG B 43 -14.66 -1.69 -22.43
N ALA B 44 -14.68 -0.52 -21.76
CA ALA B 44 -14.64 0.75 -22.45
C ALA B 44 -13.79 1.71 -21.63
N LEU B 45 -12.84 2.39 -22.29
CA LEU B 45 -11.92 3.30 -21.63
C LEU B 45 -12.21 4.74 -22.07
N TYR B 46 -11.98 5.69 -21.18
CA TYR B 46 -11.98 7.06 -21.66
C TYR B 46 -10.74 7.30 -22.51
N SER B 47 -10.93 8.06 -23.59
CA SER B 47 -9.92 8.11 -24.65
C SER B 47 -8.62 8.72 -24.16
N SER B 48 -8.69 9.77 -23.35
CA SER B 48 -7.46 10.47 -23.03
C SER B 48 -6.75 9.82 -21.84
N PRO B 49 -5.43 9.70 -21.90
CA PRO B 49 -4.69 9.38 -20.67
C PRO B 49 -4.96 10.44 -19.62
N ILE B 50 -5.02 10.00 -18.36
CA ILE B 50 -5.26 10.86 -17.20
C ILE B 50 -3.97 10.91 -16.39
N HIS B 51 -3.58 12.11 -15.95
CA HIS B 51 -2.38 12.26 -15.14
C HIS B 51 -2.79 12.13 -13.67
N ILE B 52 -2.58 10.95 -13.12
CA ILE B 52 -3.06 10.64 -11.78
C ILE B 52 -2.00 10.91 -10.70
N TRP B 53 -0.71 10.83 -11.01
CA TRP B 53 0.28 11.29 -10.04
C TRP B 53 1.57 11.66 -10.76
N ASP B 54 2.40 12.43 -10.06
CA ASP B 54 3.66 12.90 -10.58
C ASP B 54 4.76 12.57 -9.59
N ARG B 55 5.88 12.07 -10.08
CA ARG B 55 6.92 11.66 -9.14
C ARG B 55 7.91 12.76 -8.78
N GLU B 56 8.12 13.75 -9.63
CA GLU B 56 9.04 14.81 -9.24
C GLU B 56 8.49 15.45 -7.99
N THR B 57 7.22 15.80 -8.00
CA THR B 57 6.59 16.40 -6.84
C THR B 57 6.01 15.44 -5.86
N GLY B 58 5.85 14.22 -6.27
CA GLY B 58 5.19 13.25 -5.42
C GLY B 58 3.70 13.48 -5.21
N ASN B 59 3.10 14.44 -5.91
CA ASN B 59 1.69 14.74 -5.73
C ASN B 59 0.81 13.67 -6.36
N VAL B 60 -0.37 13.50 -5.78
CA VAL B 60 -1.38 12.59 -6.28
C VAL B 60 -2.63 13.41 -6.57
N ALA B 61 -3.41 12.95 -7.54
CA ALA B 61 -4.60 13.67 -7.96
C ALA B 61 -5.77 13.40 -7.02
N ASN B 62 -6.55 14.44 -6.76
CA ASN B 62 -7.91 14.21 -6.30
C ASN B 62 -8.77 13.85 -7.51
N PHE B 63 -9.69 12.92 -7.34
CA PHE B 63 -10.59 12.69 -8.46
C PHE B 63 -11.91 12.16 -7.97
N VAL B 64 -12.90 12.26 -8.85
CA VAL B 64 -14.22 11.74 -8.59
C VAL B 64 -14.81 11.27 -9.92
N THR B 65 -15.53 10.17 -9.86
CA THR B 65 -16.27 9.71 -11.01
C THR B 65 -17.64 9.31 -10.50
N SER B 66 -18.65 9.57 -11.30
CA SER B 66 -19.96 9.04 -10.99
C SER B 66 -20.53 8.44 -12.25
N PHE B 67 -21.39 7.44 -12.07
CA PHE B 67 -21.96 6.74 -13.20
C PHE B 67 -23.15 5.93 -12.71
N THR B 68 -24.02 5.63 -13.64
CA THR B 68 -25.19 4.81 -13.37
C THR B 68 -25.04 3.56 -14.23
N PHE B 69 -25.13 2.39 -13.61
CA PHE B 69 -25.03 1.14 -14.34
C PHE B 69 -26.23 0.25 -14.03
N VAL B 70 -26.52 -0.66 -14.95
CA VAL B 70 -27.62 -1.61 -14.80
C VAL B 70 -27.08 -3.00 -15.09
N ILE B 71 -27.40 -3.95 -14.21
CA ILE B 71 -27.17 -5.37 -14.47
C ILE B 71 -28.53 -6.00 -14.70
N ASN B 72 -28.71 -6.59 -15.88
CA ASN B 72 -29.95 -7.22 -16.33
C ASN B 72 -29.71 -8.72 -16.44
N ALA B 73 -30.12 -9.47 -15.41
CA ALA B 73 -29.89 -10.91 -15.40
C ALA B 73 -31.16 -11.63 -15.83
N PRO B 74 -31.10 -12.46 -16.86
CA PRO B 74 -32.28 -13.19 -17.32
C PRO B 74 -32.70 -14.19 -16.27
N ASN B 75 -31.73 -14.73 -15.58
CA ASN B 75 -32.01 -15.63 -14.50
C ASN B 75 -31.50 -14.94 -13.25
N SER B 76 -32.42 -14.37 -12.50
CA SER B 76 -32.16 -13.57 -11.29
C SER B 76 -31.37 -14.16 -10.15
N TYR B 77 -31.30 -15.45 -10.14
CA TYR B 77 -30.60 -16.20 -9.11
C TYR B 77 -29.25 -16.73 -9.56
N ASN B 78 -29.00 -16.77 -10.86
CA ASN B 78 -27.74 -17.22 -11.43
C ASN B 78 -27.11 -16.03 -12.16
N VAL B 79 -26.45 -15.16 -11.41
CA VAL B 79 -25.91 -13.90 -11.93
C VAL B 79 -24.39 -13.97 -11.85
N ALA B 80 -23.75 -13.62 -12.94
CA ALA B 80 -22.29 -13.57 -13.03
C ALA B 80 -21.88 -12.68 -14.18
N ASP B 81 -20.70 -12.09 -14.15
CA ASP B 81 -19.74 -12.14 -13.07
C ASP B 81 -19.65 -10.81 -12.36
N GLY B 82 -20.05 -9.76 -13.05
CA GLY B 82 -20.02 -8.43 -12.53
C GLY B 82 -19.42 -7.39 -13.43
N PHE B 83 -19.21 -6.24 -12.83
CA PHE B 83 -18.72 -5.05 -13.46
C PHE B 83 -17.83 -4.22 -12.56
N THR B 84 -16.91 -3.53 -13.17
CA THR B 84 -16.00 -2.70 -12.48
C THR B 84 -15.76 -1.36 -13.14
N PHE B 85 -15.22 -0.46 -12.36
CA PHE B 85 -14.72 0.79 -12.77
C PHE B 85 -13.28 0.57 -12.39
N PHE B 86 -12.36 0.95 -13.24
CA PHE B 86 -10.96 0.70 -13.00
C PHE B 86 -10.01 1.79 -13.48
N ILE B 87 -8.79 1.76 -12.93
CA ILE B 87 -7.70 2.67 -13.24
C ILE B 87 -6.50 1.77 -13.53
N ALA B 88 -5.94 1.89 -14.73
CA ALA B 88 -4.95 0.95 -15.22
C ALA B 88 -3.91 1.69 -16.07
N PRO B 89 -2.82 1.06 -16.50
CA PRO B 89 -1.88 1.74 -17.39
C PRO B 89 -2.58 2.19 -18.68
N VAL B 90 -1.91 3.09 -19.40
CA VAL B 90 -2.49 3.71 -20.58
C VAL B 90 -2.76 2.67 -21.67
N ASP B 91 -1.89 1.67 -21.78
CA ASP B 91 -2.04 0.60 -22.75
C ASP B 91 -2.84 -0.58 -22.20
N THR B 92 -3.65 -0.37 -21.15
CA THR B 92 -4.42 -1.48 -20.59
C THR B 92 -5.27 -2.17 -21.65
N LYS B 93 -5.41 -3.46 -21.48
CA LYS B 93 -6.05 -4.39 -22.39
C LYS B 93 -6.82 -5.37 -21.51
N PRO B 94 -7.88 -6.00 -22.01
CA PRO B 94 -8.63 -6.95 -21.18
C PRO B 94 -7.75 -8.06 -20.62
N GLN B 95 -7.87 -8.30 -19.32
CA GLN B 95 -7.21 -9.42 -18.67
C GLN B 95 -8.21 -10.56 -18.50
N THR B 96 -7.85 -11.61 -17.75
CA THR B 96 -8.74 -12.77 -17.65
C THR B 96 -10.22 -12.46 -17.46
N GLY B 97 -11.06 -13.23 -18.14
CA GLY B 97 -12.50 -13.08 -18.03
C GLY B 97 -13.08 -13.80 -16.82
N GLY B 98 -14.38 -14.10 -16.92
CA GLY B 98 -15.03 -14.81 -15.83
C GLY B 98 -14.89 -14.05 -14.53
N GLY B 99 -14.62 -14.79 -13.45
CA GLY B 99 -14.52 -14.21 -12.12
C GLY B 99 -13.44 -13.17 -11.97
N TYR B 100 -12.51 -13.06 -12.92
CA TYR B 100 -11.45 -12.07 -12.87
C TYR B 100 -11.88 -10.72 -13.44
N LEU B 101 -13.08 -10.62 -14.00
CA LEU B 101 -13.75 -9.36 -14.30
C LEU B 101 -13.04 -8.55 -15.38
N GLY B 102 -12.16 -9.17 -16.14
CA GLY B 102 -11.49 -8.47 -17.21
C GLY B 102 -10.40 -7.53 -16.76
N VAL B 103 -10.04 -7.54 -15.48
CA VAL B 103 -9.06 -6.59 -14.97
C VAL B 103 -7.89 -7.26 -14.25
N PHE B 104 -8.02 -8.48 -13.75
CA PHE B 104 -6.90 -9.11 -13.08
C PHE B 104 -6.69 -10.50 -13.64
N ASN B 105 -5.62 -11.14 -13.18
CA ASN B 105 -5.25 -12.48 -13.61
C ASN B 105 -4.99 -13.44 -12.47
N SER B 106 -5.11 -13.01 -11.22
CA SER B 106 -4.84 -13.88 -10.09
C SER B 106 -5.45 -13.27 -8.83
N ALA B 107 -5.69 -14.15 -7.86
CA ALA B 107 -6.02 -13.73 -6.49
C ALA B 107 -4.77 -13.37 -5.67
N GLU B 108 -3.59 -13.40 -6.27
CA GLU B 108 -2.36 -12.99 -5.62
C GLU B 108 -1.94 -11.62 -6.14
N TYR B 109 -1.28 -10.85 -5.28
CA TYR B 109 -0.87 -9.51 -5.67
C TYR B 109 0.10 -9.58 -6.83
N ASP B 110 -0.20 -8.85 -7.90
CA ASP B 110 0.61 -8.83 -9.11
C ASP B 110 0.95 -7.39 -9.41
N LYS B 111 2.21 -7.00 -9.15
CA LYS B 111 2.59 -5.60 -9.32
C LYS B 111 2.58 -5.16 -10.77
N THR B 112 2.70 -6.08 -11.72
CA THR B 112 2.73 -5.69 -13.12
C THR B 112 1.34 -5.35 -13.67
N THR B 113 0.28 -5.72 -12.97
CA THR B 113 -1.06 -5.34 -13.41
C THR B 113 -1.28 -3.85 -13.29
N GLN B 114 -0.69 -3.22 -12.27
CA GLN B 114 -0.79 -1.79 -12.04
C GLN B 114 -2.23 -1.30 -12.17
N THR B 115 -3.17 -2.00 -11.54
CA THR B 115 -4.59 -1.68 -11.70
C THR B 115 -5.26 -1.60 -10.34
N VAL B 116 -6.08 -0.56 -10.18
CA VAL B 116 -7.04 -0.44 -9.10
C VAL B 116 -8.43 -0.52 -9.72
N ALA B 117 -9.27 -1.39 -9.18
CA ALA B 117 -10.64 -1.47 -9.67
C ALA B 117 -11.59 -1.42 -8.48
N VAL B 118 -12.75 -0.82 -8.73
CA VAL B 118 -13.89 -0.94 -7.84
C VAL B 118 -14.85 -1.93 -8.51
N GLU B 119 -15.02 -3.09 -7.89
CA GLU B 119 -15.83 -4.13 -8.49
C GLU B 119 -17.22 -4.17 -7.86
N PHE B 120 -18.19 -4.53 -8.68
CA PHE B 120 -19.55 -4.84 -8.25
C PHE B 120 -19.76 -6.28 -8.68
N ASP B 121 -19.55 -7.19 -7.75
CA ASP B 121 -19.29 -8.60 -8.03
C ASP B 121 -20.54 -9.41 -7.73
N THR B 122 -21.11 -10.03 -8.78
CA THR B 122 -22.37 -10.73 -8.64
C THR B 122 -22.25 -12.23 -8.40
N PHE B 123 -21.03 -12.80 -8.48
CA PHE B 123 -20.85 -14.24 -8.44
C PHE B 123 -19.75 -14.62 -7.46
N TYR B 124 -20.05 -15.57 -6.57
CA TYR B 124 -19.10 -15.98 -5.56
C TYR B 124 -18.06 -16.92 -6.18
N ASN B 125 -16.81 -16.46 -6.28
CA ASN B 125 -15.70 -17.33 -6.69
C ASN B 125 -15.04 -17.85 -5.43
N ALA B 126 -15.19 -19.16 -5.17
CA ALA B 126 -14.80 -19.73 -3.89
C ALA B 126 -13.32 -19.49 -3.57
N ALA B 127 -12.45 -19.42 -4.58
CA ALA B 127 -11.03 -19.23 -4.30
C ALA B 127 -10.70 -17.88 -3.69
N TRP B 128 -11.56 -16.87 -3.82
CA TRP B 128 -11.16 -15.59 -3.25
C TRP B 128 -12.28 -14.70 -2.74
N ASP B 129 -13.51 -14.92 -3.15
CA ASP B 129 -14.57 -13.99 -2.79
C ASP B 129 -14.92 -14.13 -1.31
N PRO B 130 -15.53 -13.08 -0.72
CA PRO B 130 -15.82 -13.12 0.72
C PRO B 130 -16.63 -14.34 1.11
N SER B 131 -16.19 -14.99 2.20
CA SER B 131 -16.73 -16.28 2.62
C SER B 131 -18.20 -16.22 3.01
N ASN B 132 -18.77 -15.03 3.21
CA ASN B 132 -20.21 -14.95 3.43
C ASN B 132 -21.00 -15.14 2.14
N ARG B 133 -20.32 -15.25 0.99
CA ARG B 133 -20.91 -15.62 -0.29
C ARG B 133 -21.93 -14.62 -0.80
N ASP B 134 -22.01 -13.43 -0.21
CA ASP B 134 -22.86 -12.38 -0.73
C ASP B 134 -22.23 -11.76 -1.97
N ARG B 135 -23.09 -11.32 -2.88
CA ARG B 135 -22.66 -10.33 -3.84
C ARG B 135 -22.17 -9.11 -3.08
N HIS B 136 -21.22 -8.38 -3.69
CA HIS B 136 -20.48 -7.40 -2.91
C HIS B 136 -19.87 -6.34 -3.81
N ILE B 137 -19.76 -5.13 -3.26
CA ILE B 137 -18.86 -4.11 -3.77
C ILE B 137 -17.48 -4.40 -3.21
N GLY B 138 -16.45 -4.22 -4.02
CA GLY B 138 -15.10 -4.44 -3.55
C GLY B 138 -14.15 -3.43 -4.13
N ILE B 139 -13.07 -3.19 -3.40
CA ILE B 139 -11.95 -2.37 -3.86
C ILE B 139 -10.80 -3.33 -4.13
N ASP B 140 -10.27 -3.31 -5.35
CA ASP B 140 -9.28 -4.27 -5.81
C ASP B 140 -8.00 -3.56 -6.16
N VAL B 141 -6.88 -4.07 -5.66
CA VAL B 141 -5.57 -3.49 -5.89
C VAL B 141 -4.66 -4.62 -6.41
N ASN B 142 -4.42 -4.63 -7.72
CA ASN B 142 -3.50 -5.58 -8.36
C ASN B 142 -3.86 -7.02 -8.06
N SER B 143 -5.13 -7.28 -7.76
CA SER B 143 -5.56 -8.63 -7.44
C SER B 143 -7.07 -8.68 -7.47
N ILE B 144 -7.61 -9.86 -7.81
CA ILE B 144 -9.05 -10.05 -7.82
C ILE B 144 -9.59 -10.29 -6.42
N LYS B 145 -8.70 -10.55 -5.47
CA LYS B 145 -9.07 -10.69 -4.06
C LYS B 145 -9.08 -9.29 -3.44
N SER B 146 -10.28 -8.72 -3.30
CA SER B 146 -10.42 -7.34 -2.86
C SER B 146 -9.69 -7.10 -1.54
N VAL B 147 -9.18 -5.89 -1.37
CA VAL B 147 -8.61 -5.53 -0.08
C VAL B 147 -9.70 -5.07 0.89
N ASN B 148 -10.88 -4.76 0.38
CA ASN B 148 -12.02 -4.44 1.23
C ASN B 148 -13.27 -4.65 0.41
N THR B 149 -14.30 -5.19 1.05
CA THR B 149 -15.56 -5.49 0.40
C THR B 149 -16.69 -5.06 1.32
N LYS B 150 -17.85 -4.85 0.70
CA LYS B 150 -19.09 -4.61 1.43
C LYS B 150 -20.19 -5.41 0.74
N SER B 151 -20.99 -6.13 1.53
CA SER B 151 -22.07 -6.89 0.94
C SER B 151 -23.08 -5.95 0.29
N TRP B 152 -23.70 -6.44 -0.79
CA TRP B 152 -24.51 -5.64 -1.69
C TRP B 152 -25.62 -6.51 -2.26
N LYS B 153 -26.87 -6.08 -2.07
CA LYS B 153 -28.03 -6.76 -2.65
C LYS B 153 -28.27 -6.21 -4.05
N LEU B 154 -28.00 -7.02 -5.06
CA LEU B 154 -28.27 -6.62 -6.43
C LEU B 154 -29.76 -6.42 -6.64
N GLN B 155 -30.14 -5.34 -7.31
CA GLN B 155 -31.52 -5.16 -7.75
C GLN B 155 -31.49 -5.37 -9.25
N ASN B 156 -31.89 -6.57 -9.67
CA ASN B 156 -31.88 -6.95 -11.06
C ASN B 156 -32.63 -5.92 -11.89
N GLY B 157 -31.99 -5.44 -12.95
CA GLY B 157 -32.61 -4.49 -13.86
C GLY B 157 -32.76 -3.07 -13.35
N GLU B 158 -32.38 -2.79 -12.12
CA GLU B 158 -32.51 -1.45 -11.57
C GLU B 158 -31.27 -0.61 -11.83
N GLU B 159 -31.46 0.71 -11.86
CA GLU B 159 -30.36 1.64 -12.02
C GLU B 159 -29.62 1.80 -10.70
N ALA B 160 -28.31 1.59 -10.75
CA ALA B 160 -27.43 1.82 -9.61
C ALA B 160 -26.63 3.09 -9.87
N ASN B 161 -26.77 4.05 -8.96
CA ASN B 161 -25.99 5.29 -9.03
C ASN B 161 -24.74 5.15 -8.20
N VAL B 162 -23.58 5.22 -8.85
CA VAL B 162 -22.30 5.03 -8.18
C VAL B 162 -21.55 6.35 -8.15
N VAL B 163 -20.88 6.60 -7.03
CA VAL B 163 -19.95 7.70 -6.89
C VAL B 163 -18.68 7.10 -6.32
N ILE B 164 -17.56 7.40 -6.96
CA ILE B 164 -16.27 6.92 -6.50
C ILE B 164 -15.37 8.14 -6.42
N ALA B 165 -14.89 8.43 -5.22
CA ALA B 165 -14.06 9.60 -4.96
C ALA B 165 -12.74 9.13 -4.35
N PHE B 166 -11.65 9.78 -4.76
CA PHE B 166 -10.34 9.56 -4.15
C PHE B 166 -9.83 10.87 -3.56
N ASN B 167 -9.45 10.83 -2.28
CA ASN B 167 -8.93 11.99 -1.56
C ASN B 167 -7.40 11.85 -1.47
N ALA B 168 -6.70 12.74 -2.16
CA ALA B 168 -5.25 12.64 -2.28
C ALA B 168 -4.55 12.99 -0.98
N ALA B 169 -5.20 13.76 -0.10
CA ALA B 169 -4.56 14.08 1.18
C ALA B 169 -4.52 12.85 2.09
N THR B 170 -5.58 12.05 2.11
CA THR B 170 -5.68 10.90 2.99
C THR B 170 -5.55 9.56 2.28
N ASN B 171 -5.34 9.54 0.96
CA ASN B 171 -5.29 8.30 0.18
C ASN B 171 -6.57 7.47 0.33
N VAL B 172 -7.70 8.10 0.68
CA VAL B 172 -8.95 7.38 0.92
C VAL B 172 -9.75 7.30 -0.38
N LEU B 173 -10.13 6.08 -0.76
CA LEU B 173 -10.99 5.84 -1.91
C LEU B 173 -12.36 5.45 -1.40
N THR B 174 -13.36 6.27 -1.70
CA THR B 174 -14.71 6.04 -1.22
C THR B 174 -15.59 5.61 -2.39
N VAL B 175 -16.45 4.63 -2.12
CA VAL B 175 -17.42 4.15 -3.09
C VAL B 175 -18.80 4.34 -2.48
N SER B 176 -19.77 4.76 -3.30
CA SER B 176 -21.13 4.65 -2.84
C SER B 176 -22.00 4.15 -3.99
N LEU B 177 -22.96 3.31 -3.65
CA LEU B 177 -23.96 2.85 -4.60
C LEU B 177 -25.33 3.07 -4.01
N THR B 178 -26.24 3.58 -4.85
CA THR B 178 -27.59 3.93 -4.42
C THR B 178 -28.59 3.38 -5.42
N TYR B 179 -29.60 2.67 -4.92
CA TYR B 179 -30.73 2.37 -5.79
C TYR B 179 -31.88 3.31 -5.48
N PRO B 180 -32.77 3.54 -6.42
CA PRO B 180 -33.94 4.36 -6.17
C PRO B 180 -34.86 3.72 -5.17
N ASN B 181 -35.02 2.41 -5.26
CA ASN B 181 -35.89 1.65 -4.37
C ASN B 181 -35.21 1.16 -3.11
N THR B 189 -32.05 2.59 -1.10
CA THR B 189 -31.12 1.57 -0.60
C THR B 189 -29.69 1.94 -0.99
N SER B 190 -28.82 2.07 0.01
CA SER B 190 -27.51 2.70 -0.17
C SER B 190 -26.42 1.86 0.47
N TYR B 191 -25.26 1.84 -0.20
CA TYR B 191 -24.08 1.15 0.31
C TYR B 191 -22.88 2.06 0.14
N THR B 192 -22.01 2.05 1.13
CA THR B 192 -20.75 2.76 1.03
C THR B 192 -19.62 1.79 1.37
N LEU B 193 -18.42 2.15 0.91
CA LEU B 193 -17.25 1.34 1.14
C LEU B 193 -16.03 2.22 0.89
N SER B 194 -15.06 2.17 1.81
CA SER B 194 -13.84 2.96 1.68
C SER B 194 -12.66 2.14 2.11
N ASP B 195 -11.49 2.60 1.69
CA ASP B 195 -10.23 2.00 2.09
C ASP B 195 -9.12 2.98 1.76
N VAL B 196 -7.99 2.83 2.45
CA VAL B 196 -6.81 3.63 2.12
C VAL B 196 -6.10 2.91 0.99
N VAL B 197 -5.88 3.62 -0.12
CA VAL B 197 -5.26 3.06 -1.31
C VAL B 197 -4.10 3.97 -1.70
N SER B 198 -2.91 3.39 -1.78
CA SER B 198 -1.70 4.15 -2.09
C SER B 198 -1.56 4.15 -3.61
N LEU B 199 -2.40 4.98 -4.25
CA LEU B 199 -2.50 4.99 -5.71
C LEU B 199 -1.14 5.08 -6.37
N LYS B 200 -0.25 5.93 -5.83
CA LYS B 200 1.04 6.16 -6.47
C LYS B 200 1.93 4.92 -6.41
N ASP B 201 1.62 3.98 -5.53
CA ASP B 201 2.36 2.73 -5.46
C ASP B 201 1.78 1.67 -6.38
N VAL B 202 0.63 1.91 -6.99
CA VAL B 202 -0.10 0.89 -7.73
C VAL B 202 -0.12 1.16 -9.23
N VAL B 203 -0.58 2.34 -9.62
CA VAL B 203 -0.86 2.63 -11.02
C VAL B 203 0.25 3.52 -11.55
N PRO B 204 0.49 3.56 -12.85
CA PRO B 204 1.54 4.45 -13.37
C PRO B 204 1.11 5.89 -13.19
N GLU B 205 2.05 6.79 -13.50
CA GLU B 205 1.76 8.21 -13.34
C GLU B 205 0.65 8.64 -14.28
N TRP B 206 0.63 8.10 -15.48
CA TRP B 206 -0.44 8.28 -16.43
C TRP B 206 -1.27 7.00 -16.51
N VAL B 207 -2.56 7.14 -16.57
CA VAL B 207 -3.44 6.02 -16.67
C VAL B 207 -4.55 6.24 -17.64
N ARG B 208 -5.20 5.16 -17.98
CA ARG B 208 -6.53 5.26 -18.55
C ARG B 208 -7.55 4.71 -17.55
N ILE B 209 -8.73 5.28 -17.58
CA ILE B 209 -9.82 4.81 -16.73
C ILE B 209 -10.87 4.20 -17.64
N GLY B 210 -11.63 3.25 -17.09
CA GLY B 210 -12.70 2.67 -17.86
C GLY B 210 -13.57 1.76 -17.05
N PHE B 211 -14.48 1.08 -17.74
CA PHE B 211 -15.37 0.09 -17.16
C PHE B 211 -15.04 -1.28 -17.71
N SER B 212 -15.32 -2.30 -16.91
CA SER B 212 -15.22 -3.66 -17.39
C SER B 212 -16.42 -4.43 -16.89
N ALA B 213 -16.80 -5.46 -17.64
CA ALA B 213 -17.79 -6.42 -17.20
C ALA B 213 -17.52 -7.74 -17.91
N THR B 214 -17.85 -8.84 -17.22
CA THR B 214 -17.62 -10.17 -17.77
C THR B 214 -18.77 -11.09 -17.41
N THR B 215 -18.87 -12.19 -18.15
CA THR B 215 -19.70 -13.32 -17.82
C THR B 215 -18.85 -14.58 -17.96
N GLY B 216 -19.33 -15.67 -17.36
CA GLY B 216 -18.62 -16.92 -17.46
C GLY B 216 -19.61 -18.03 -17.77
N ALA B 217 -19.66 -19.07 -16.92
CA ALA B 217 -20.71 -20.06 -17.06
C ALA B 217 -22.07 -19.49 -16.69
N GLU B 218 -22.09 -18.47 -15.85
CA GLU B 218 -23.31 -17.71 -15.64
C GLU B 218 -23.10 -16.30 -16.17
N TYR B 219 -24.22 -15.63 -16.46
CA TYR B 219 -24.17 -14.47 -17.32
C TYR B 219 -25.28 -13.50 -16.93
N ALA B 220 -25.17 -12.28 -17.46
CA ALA B 220 -26.10 -11.17 -17.32
C ALA B 220 -25.62 -10.05 -18.22
N ALA B 221 -26.55 -9.20 -18.65
CA ALA B 221 -26.16 -7.99 -19.35
C ALA B 221 -25.64 -6.96 -18.36
N HIS B 222 -24.58 -6.27 -18.73
CA HIS B 222 -24.04 -5.15 -17.94
C HIS B 222 -24.02 -3.90 -18.81
N GLU B 223 -24.60 -2.82 -18.29
CA GLU B 223 -24.80 -1.60 -19.04
C GLU B 223 -24.43 -0.40 -18.19
N VAL B 224 -23.98 0.66 -18.86
CA VAL B 224 -23.73 1.96 -18.25
C VAL B 224 -24.60 2.98 -18.96
N LEU B 225 -25.28 3.83 -18.20
CA LEU B 225 -26.17 4.82 -18.79
C LEU B 225 -25.58 6.21 -18.85
N SER B 226 -24.65 6.55 -17.95
CA SER B 226 -23.99 7.84 -17.98
C SER B 226 -22.72 7.73 -17.16
N TRP B 227 -21.83 8.72 -17.34
CA TRP B 227 -20.50 8.67 -16.75
C TRP B 227 -19.93 10.07 -16.71
N SER B 228 -19.49 10.51 -15.53
CA SER B 228 -18.69 11.72 -15.44
C SER B 228 -17.42 11.42 -14.66
N PHE B 229 -16.42 12.27 -14.88
CA PHE B 229 -15.12 12.10 -14.26
C PHE B 229 -14.48 13.47 -14.11
N HIS B 230 -13.77 13.63 -13.00
CA HIS B 230 -12.99 14.84 -12.80
C HIS B 230 -11.78 14.49 -11.96
N SER B 231 -10.59 14.79 -12.47
CA SER B 231 -9.38 14.68 -11.68
C SER B 231 -8.69 16.03 -11.62
N GLU B 232 -7.95 16.24 -10.54
CA GLU B 232 -7.14 17.43 -10.38
C GLU B 232 -5.82 17.03 -9.73
N LEU B 233 -4.71 17.37 -10.39
CA LEU B 233 -3.37 17.11 -9.87
C LEU B 233 -2.68 18.45 -9.65
N SER B 234 -2.40 18.79 -8.40
CA SER B 234 -1.73 20.03 -8.08
C SER B 234 -0.33 20.12 -8.60
#